data_1KB6
#
_entry.id   1KB6
#
_cell.length_a   61.15
_cell.length_b   61.15
_cell.length_c   241.80
_cell.angle_alpha   90.00
_cell.angle_beta   90.00
_cell.angle_gamma   90.00
#
_symmetry.space_group_name_H-M   'P 43 21 2'
#
loop_
_entity.id
_entity.type
_entity.pdbx_description
1 polymer "5'-D(*CP*AP*CP*GP*GP*GP*TP*GP*AP*AP*TP*GP*AP*GP*GP*AP*CP*A)-3'"
2 polymer "5'-D(*TP*GP*TP*CP*CP*TP*CP*AP*TP*TP*CP*AP*CP*CP*CP*GP*TP*G)-3'"
3 polymer 'Vitamin D3 Receptor'
4 non-polymer 'ZINC ION'
5 water water
#
loop_
_entity_poly.entity_id
_entity_poly.type
_entity_poly.pdbx_seq_one_letter_code
_entity_poly.pdbx_strand_id
1 'polydeoxyribonucleotide' (DC)(DA)(DC)(DG)(DG)(DG)(DT)(DG)(DA)(DA)(DT)(DG)(DA)(DG)(DG)(DA)(DC)(DA) C
2 'polydeoxyribonucleotide' (DT)(DG)(DT)(DC)(DC)(DT)(DC)(DA)(DT)(DT)(DC)(DA)(DC)(DC)(DC)(DG)(DT)(DG) D
3 'polypeptide(L)'
;FDRNVPRICGVCGDRATGFHFNAMTCEGCKGFFRRSMKRKALFTCPFNGDCRITKDNRRHCQACRLKRCVDIGMMKEFIL
TDEEVQRKREMILKRKEEEALKDSLRPKLS
;
A,B
#
# COMPACT_ATOMS: atom_id res chain seq x y z
N PRO C 6 -10.18 13.14 -22.69
CA PRO C 6 -8.90 13.53 -21.98
C PRO C 6 -8.35 12.40 -21.06
N ARG C 7 -7.65 11.46 -21.72
CA ARG C 7 -7.04 10.26 -21.11
C ARG C 7 -6.06 10.30 -19.93
N ILE C 8 -6.32 11.15 -18.92
CA ILE C 8 -5.44 11.10 -17.76
C ILE C 8 -6.30 10.75 -16.54
N CYS C 9 -5.84 9.78 -15.78
CA CYS C 9 -6.59 9.33 -14.61
C CYS C 9 -6.88 10.47 -13.64
N GLY C 10 -8.15 10.62 -13.30
CA GLY C 10 -8.61 11.65 -12.39
C GLY C 10 -8.28 11.40 -10.95
N VAL C 11 -7.64 10.29 -10.69
CA VAL C 11 -7.34 9.98 -9.32
C VAL C 11 -5.89 10.18 -9.05
N CYS C 12 -5.05 9.52 -9.83
CA CYS C 12 -3.61 9.63 -9.64
C CYS C 12 -2.85 10.34 -10.76
N GLY C 13 -3.49 10.58 -11.88
CA GLY C 13 -2.76 11.26 -12.92
C GLY C 13 -2.01 10.37 -13.88
N ASP C 14 -1.92 9.08 -13.62
CA ASP C 14 -1.27 8.14 -14.53
C ASP C 14 -2.04 8.16 -15.87
N ARG C 15 -1.60 7.36 -16.82
CA ARG C 15 -2.24 7.35 -18.11
C ARG C 15 -3.57 6.59 -18.04
N ALA C 16 -4.66 7.27 -18.39
CA ALA C 16 -5.98 6.63 -18.32
C ALA C 16 -6.40 5.66 -19.47
N THR C 17 -6.92 4.49 -19.12
CA THR C 17 -7.36 3.57 -20.18
C THR C 17 -8.82 3.76 -20.55
N GLY C 18 -9.51 4.66 -19.85
CA GLY C 18 -10.92 4.94 -20.17
C GLY C 18 -11.77 5.20 -18.95
N PHE C 19 -13.08 5.08 -19.13
CA PHE C 19 -14.00 5.23 -18.00
C PHE C 19 -14.17 3.89 -17.33
N HIS C 20 -14.16 3.98 -16.01
CA HIS C 20 -14.31 2.86 -15.13
C HIS C 20 -15.19 3.26 -13.95
N PHE C 21 -16.29 2.55 -13.77
CA PHE C 21 -17.21 2.85 -12.72
C PHE C 21 -17.63 4.30 -12.76
N ASN C 22 -17.70 4.83 -13.97
CA ASN C 22 -18.15 6.18 -14.24
C ASN C 22 -17.12 7.31 -14.22
N ALA C 23 -15.84 7.01 -14.39
CA ALA C 23 -14.83 8.04 -14.41
C ALA C 23 -13.52 7.63 -15.08
N MET C 24 -12.93 8.61 -15.78
CA MET C 24 -11.69 8.41 -16.50
C MET C 24 -10.64 7.98 -15.51
N THR C 25 -10.27 6.70 -15.52
CA THR C 25 -9.25 6.23 -14.59
C THR C 25 -8.22 5.29 -15.26
N CYS C 26 -7.16 5.00 -14.51
CA CYS C 26 -6.07 4.14 -14.95
C CYS C 26 -6.44 2.75 -14.54
N GLU C 27 -5.71 1.76 -15.03
CA GLU C 27 -6.01 0.41 -14.63
C GLU C 27 -5.83 0.25 -13.12
N GLY C 28 -4.81 0.88 -12.56
CA GLY C 28 -4.63 0.73 -11.13
C GLY C 28 -5.77 1.30 -10.30
N CYS C 29 -6.35 2.40 -10.72
CA CYS C 29 -7.36 2.91 -9.84
C CYS C 29 -8.69 2.18 -10.01
N LYS C 30 -8.93 1.55 -11.15
CA LYS C 30 -10.17 0.82 -11.29
C LYS C 30 -10.02 -0.36 -10.33
N GLY C 31 -8.92 -1.06 -10.47
CA GLY C 31 -8.65 -2.20 -9.61
C GLY C 31 -8.66 -1.82 -8.13
N PHE C 32 -7.93 -0.80 -7.79
CA PHE C 32 -7.94 -0.40 -6.41
C PHE C 32 -9.36 -0.12 -5.92
N PHE C 33 -10.07 0.69 -6.68
CA PHE C 33 -11.42 1.07 -6.31
C PHE C 33 -12.47 -0.07 -6.17
N ARG C 34 -12.41 -1.04 -7.07
CA ARG C 34 -13.37 -2.12 -7.00
C ARG C 34 -13.11 -2.97 -5.75
N ARG C 35 -11.85 -3.39 -5.61
CA ARG C 35 -11.45 -4.24 -4.51
C ARG C 35 -11.72 -3.56 -3.21
N SER C 36 -11.46 -2.29 -3.15
CA SER C 36 -11.69 -1.60 -1.93
C SER C 36 -13.15 -1.57 -1.56
N MET C 37 -14.01 -1.31 -2.53
CA MET C 37 -15.44 -1.26 -2.26
C MET C 37 -16.02 -2.62 -1.92
N LYS C 38 -15.54 -3.66 -2.61
CA LYS C 38 -16.02 -4.99 -2.33
C LYS C 38 -15.63 -5.31 -0.91
N ARG C 39 -14.38 -5.66 -0.68
CA ARG C 39 -13.98 -5.96 0.68
C ARG C 39 -14.33 -4.90 1.70
N LYS C 40 -15.27 -4.01 1.41
CA LYS C 40 -15.64 -2.95 2.34
C LYS C 40 -14.45 -2.56 3.23
N ALA C 41 -13.39 -2.00 2.62
CA ALA C 41 -12.18 -1.61 3.35
C ALA C 41 -12.26 -0.27 4.04
N LEU C 42 -11.74 -0.26 5.26
CA LEU C 42 -11.69 0.91 6.09
C LEU C 42 -10.26 1.39 6.07
N PHE C 43 -10.06 2.58 5.49
CA PHE C 43 -8.71 3.14 5.39
C PHE C 43 -8.54 4.41 6.24
N THR C 44 -7.31 4.70 6.66
CA THR C 44 -7.10 5.95 7.42
C THR C 44 -5.80 6.65 6.99
N CYS C 45 -5.85 7.97 6.87
CA CYS C 45 -4.66 8.66 6.43
C CYS C 45 -3.60 8.68 7.49
N PRO C 46 -2.40 8.23 7.17
CA PRO C 46 -1.42 8.28 8.23
C PRO C 46 -0.77 9.68 8.21
N PHE C 47 -1.38 10.63 7.50
CA PHE C 47 -0.87 12.00 7.38
C PHE C 47 -1.91 13.09 7.72
N ASN C 48 -2.45 13.81 6.73
CA ASN C 48 -3.43 14.84 7.05
C ASN C 48 -4.75 14.67 6.34
N GLY C 49 -4.87 13.58 5.59
CA GLY C 49 -6.11 13.32 4.92
C GLY C 49 -6.39 14.32 3.83
N ASP C 50 -5.35 14.65 3.09
CA ASP C 50 -5.42 15.54 1.95
C ASP C 50 -4.17 15.29 1.14
N CYS C 51 -3.81 14.03 0.97
CA CYS C 51 -2.63 13.67 0.20
C CYS C 51 -2.86 13.99 -1.27
N ARG C 52 -1.80 14.33 -1.97
CA ARG C 52 -1.89 14.64 -3.39
C ARG C 52 -1.51 13.30 -4.08
N ILE C 53 -2.48 12.64 -4.70
CA ILE C 53 -2.18 11.34 -5.27
C ILE C 53 -1.46 11.48 -6.56
N THR C 54 -0.46 10.64 -6.78
CA THR C 54 0.31 10.64 -8.02
C THR C 54 0.61 9.21 -8.44
N LYS C 55 0.97 9.05 -9.70
CA LYS C 55 1.31 7.74 -10.20
C LYS C 55 2.38 7.08 -9.33
N ASP C 56 3.15 7.85 -8.57
CA ASP C 56 4.17 7.18 -7.82
C ASP C 56 3.93 7.08 -6.35
N ASN C 57 2.84 7.65 -5.88
CA ASN C 57 2.59 7.53 -4.44
C ASN C 57 1.26 6.81 -4.09
N ARG C 58 0.36 6.72 -5.07
CA ARG C 58 -0.95 6.10 -4.87
C ARG C 58 -0.91 4.87 -4.03
N ARG C 59 0.04 3.99 -4.30
CA ARG C 59 0.19 2.75 -3.55
C ARG C 59 0.17 3.06 -2.08
N HIS C 60 0.72 4.18 -1.64
CA HIS C 60 0.74 4.44 -0.22
C HIS C 60 -0.44 5.01 0.51
N CYS C 61 -1.05 6.11 0.09
CA CYS C 61 -2.17 6.42 0.93
C CYS C 61 -3.44 5.89 0.31
N GLN C 62 -3.90 4.78 0.87
CA GLN C 62 -5.13 4.19 0.36
C GLN C 62 -6.35 5.01 0.74
N ALA C 63 -6.35 5.49 1.97
CA ALA C 63 -7.43 6.29 2.46
C ALA C 63 -7.77 7.38 1.48
N CYS C 64 -6.78 8.21 1.18
CA CYS C 64 -6.94 9.35 0.29
C CYS C 64 -7.20 8.94 -1.12
N ARG C 65 -6.49 7.93 -1.60
CA ARG C 65 -6.73 7.45 -2.93
C ARG C 65 -8.19 7.05 -3.02
N LEU C 66 -8.70 6.30 -2.05
CA LEU C 66 -10.08 5.91 -2.14
C LEU C 66 -11.03 7.07 -2.01
N LYS C 67 -10.83 8.00 -1.07
CA LYS C 67 -11.75 9.16 -0.97
C LYS C 67 -11.69 9.97 -2.27
N ARG C 68 -10.54 9.90 -2.93
CA ARG C 68 -10.41 10.59 -4.17
C ARG C 68 -11.23 9.94 -5.28
N CYS C 69 -11.35 8.61 -5.27
CA CYS C 69 -12.17 7.96 -6.33
C CYS C 69 -13.63 8.36 -6.13
N VAL C 70 -14.01 8.42 -4.87
CA VAL C 70 -15.36 8.75 -4.60
C VAL C 70 -15.59 10.19 -4.98
N ASP C 71 -14.66 11.09 -4.68
CA ASP C 71 -14.90 12.50 -5.08
C ASP C 71 -14.94 12.79 -6.58
N ILE C 72 -14.21 12.05 -7.43
CA ILE C 72 -14.31 12.35 -8.87
C ILE C 72 -15.52 11.65 -9.50
N GLY C 73 -16.29 10.99 -8.65
CA GLY C 73 -17.49 10.33 -9.12
C GLY C 73 -17.49 8.87 -9.46
N MET C 74 -16.51 8.11 -9.03
CA MET C 74 -16.62 6.69 -9.35
C MET C 74 -17.80 6.22 -8.50
N MET C 75 -18.51 5.22 -8.99
CA MET C 75 -19.70 4.74 -8.33
C MET C 75 -19.63 3.29 -7.99
N LYS C 76 -19.68 2.93 -6.70
CA LYS C 76 -19.66 1.50 -6.30
C LYS C 76 -20.82 0.75 -7.00
N GLU C 77 -21.96 1.41 -7.12
CA GLU C 77 -23.09 0.79 -7.78
C GLU C 77 -22.77 0.13 -9.11
N PHE C 78 -21.78 0.62 -9.84
CA PHE C 78 -21.46 0.04 -11.14
C PHE C 78 -20.57 -1.21 -11.06
N ILE C 79 -20.22 -1.60 -9.85
CA ILE C 79 -19.44 -2.80 -9.62
C ILE C 79 -20.43 -3.96 -9.57
N LEU C 80 -20.33 -4.96 -10.44
CA LEU C 80 -21.29 -6.06 -10.28
C LEU C 80 -21.14 -6.68 -8.90
N THR C 81 -22.22 -7.34 -8.43
CA THR C 81 -22.26 -8.05 -7.15
C THR C 81 -21.91 -9.50 -7.46
N ASP C 82 -21.72 -10.30 -6.43
CA ASP C 82 -21.35 -11.69 -6.67
C ASP C 82 -22.44 -12.49 -7.37
N GLU C 83 -23.67 -12.29 -6.89
CA GLU C 83 -24.83 -12.95 -7.46
C GLU C 83 -24.87 -12.56 -8.92
N GLU C 84 -24.64 -11.27 -9.19
CA GLU C 84 -24.64 -10.78 -10.56
C GLU C 84 -23.51 -11.41 -11.41
N VAL C 85 -22.32 -11.55 -10.86
CA VAL C 85 -21.23 -12.10 -11.63
C VAL C 85 -21.55 -13.52 -12.00
N GLN C 86 -21.93 -14.27 -10.97
CA GLN C 86 -22.32 -15.66 -11.09
C GLN C 86 -23.44 -15.89 -12.11
N ARG C 87 -24.49 -15.08 -12.12
CA ARG C 87 -25.50 -15.32 -13.12
C ARG C 87 -24.88 -15.12 -14.47
N LYS C 88 -23.91 -14.23 -14.55
CA LYS C 88 -23.23 -13.95 -15.80
C LYS C 88 -22.47 -15.22 -16.21
N ARG C 89 -21.53 -15.68 -15.38
CA ARG C 89 -20.79 -16.90 -15.69
C ARG C 89 -21.78 -17.94 -16.19
N GLU C 90 -22.95 -17.97 -15.56
CA GLU C 90 -24.04 -18.91 -15.90
C GLU C 90 -24.76 -18.54 -17.18
N MET C 91 -24.04 -17.95 -18.10
CA MET C 91 -24.61 -17.53 -19.36
C MET C 91 -23.46 -17.50 -20.34
N ILE C 92 -22.26 -17.37 -19.77
CA ILE C 92 -21.00 -17.36 -20.54
C ILE C 92 -20.66 -18.83 -20.82
N LEU C 93 -21.43 -19.71 -20.19
CA LEU C 93 -21.31 -21.16 -20.32
C LEU C 93 -22.72 -21.75 -20.50
N LYS C 94 -23.71 -20.87 -20.62
CA LYS C 94 -25.10 -21.22 -20.87
C LYS C 94 -25.29 -20.71 -22.28
N ARG C 95 -24.20 -20.16 -22.80
CA ARG C 95 -24.07 -19.62 -24.16
C ARG C 95 -23.00 -20.42 -24.90
N LYS C 96 -21.97 -20.89 -24.18
CA LYS C 96 -20.93 -21.74 -24.78
C LYS C 96 -21.46 -23.20 -24.70
N GLU C 97 -22.78 -23.29 -24.53
CA GLU C 97 -23.55 -24.54 -24.43
C GLU C 97 -24.95 -24.23 -25.06
N GLU C 98 -24.99 -23.12 -25.78
CA GLU C 98 -26.17 -22.67 -26.52
C GLU C 98 -25.55 -22.65 -27.93
N GLU C 99 -24.21 -22.69 -27.95
CA GLU C 99 -23.38 -22.68 -29.17
C GLU C 99 -22.70 -24.05 -29.32
N PRO D 6 16.92 1.32 -8.73
CA PRO D 6 18.40 1.27 -8.90
C PRO D 6 19.20 0.29 -8.01
N ARG D 7 18.55 -0.28 -6.98
CA ARG D 7 19.18 -1.22 -6.02
C ARG D 7 20.21 -0.58 -5.09
N ILE D 8 20.90 -1.34 -4.27
CA ILE D 8 21.86 -0.75 -3.34
C ILE D 8 21.17 0.11 -2.27
N CYS D 9 21.22 -0.38 -1.05
CA CYS D 9 20.65 0.32 0.10
C CYS D 9 21.15 1.77 0.11
N GLY D 10 20.29 2.69 0.47
CA GLY D 10 20.73 4.05 0.50
C GLY D 10 21.21 4.43 1.88
N VAL D 11 20.95 3.60 2.87
CA VAL D 11 21.40 3.94 4.20
C VAL D 11 22.72 3.30 4.49
N CYS D 12 22.83 2.02 4.21
CA CYS D 12 24.05 1.33 4.53
C CYS D 12 24.96 1.01 3.37
N GLY D 13 24.48 1.13 2.15
CA GLY D 13 25.33 0.81 1.03
C GLY D 13 25.25 -0.65 0.57
N ASP D 14 24.67 -1.51 1.41
CA ASP D 14 24.49 -2.93 1.11
C ASP D 14 23.62 -3.15 -0.17
N ARG D 15 23.22 -4.40 -0.47
CA ARG D 15 22.33 -4.68 -1.61
C ARG D 15 20.90 -4.56 -1.04
N ALA D 16 20.04 -3.82 -1.74
CA ALA D 16 18.67 -3.62 -1.26
C ALA D 16 17.73 -4.67 -1.83
N THR D 17 16.64 -4.93 -1.12
CA THR D 17 15.65 -5.89 -1.59
C THR D 17 14.47 -5.17 -2.28
N GLY D 18 14.34 -3.87 -2.03
CA GLY D 18 13.29 -3.09 -2.64
C GLY D 18 13.00 -1.84 -1.85
N PHE D 19 11.87 -1.22 -2.06
CA PHE D 19 11.60 -0.02 -1.29
C PHE D 19 11.01 -0.40 0.05
N HIS D 20 11.50 0.21 1.13
CA HIS D 20 10.95 -0.06 2.44
C HIS D 20 10.63 1.29 3.05
N PHE D 21 9.41 1.40 3.57
CA PHE D 21 8.91 2.62 4.15
C PHE D 21 9.33 3.79 3.29
N ASN D 22 9.33 3.54 1.99
CA ASN D 22 9.61 4.54 0.98
C ASN D 22 11.01 4.83 0.50
N ALA D 23 11.98 3.97 0.81
CA ALA D 23 13.32 4.21 0.30
C ALA D 23 14.02 2.90 -0.03
N MET D 24 14.76 2.87 -1.12
CA MET D 24 15.43 1.63 -1.50
C MET D 24 16.42 1.22 -0.40
N THR D 25 16.17 0.14 0.31
CA THR D 25 17.09 -0.25 1.38
C THR D 25 17.33 -1.74 1.45
N CYS D 26 18.32 -2.12 2.27
CA CYS D 26 18.73 -3.53 2.49
C CYS D 26 17.75 -4.13 3.48
N GLU D 27 17.62 -5.45 3.52
CA GLU D 27 16.66 -6.00 4.45
C GLU D 27 16.94 -5.53 5.88
N GLY D 28 18.22 -5.43 6.23
CA GLY D 28 18.58 -4.99 7.58
C GLY D 28 18.23 -3.59 8.05
N CYS D 29 18.19 -2.64 7.13
CA CYS D 29 17.86 -1.25 7.49
C CYS D 29 16.36 -1.11 7.65
N LYS D 30 15.64 -1.90 6.85
CA LYS D 30 14.20 -1.99 6.91
C LYS D 30 13.95 -2.40 8.37
N GLY D 31 14.56 -3.51 8.78
CA GLY D 31 14.36 -3.99 10.13
C GLY D 31 14.71 -2.98 11.19
N PHE D 32 15.93 -2.43 11.07
CA PHE D 32 16.43 -1.43 12.02
C PHE D 32 15.50 -0.25 12.18
N PHE D 33 15.09 0.33 11.03
CA PHE D 33 14.21 1.47 10.97
C PHE D 33 12.85 1.22 11.60
N ARG D 34 12.24 0.07 11.32
CA ARG D 34 10.98 -0.17 11.95
C ARG D 34 11.11 -0.32 13.47
N ARG D 35 12.09 -1.08 13.94
CA ARG D 35 12.21 -1.22 15.38
C ARG D 35 12.41 0.11 16.07
N SER D 36 13.42 0.86 15.62
CA SER D 36 13.71 2.17 16.16
C SER D 36 12.46 3.01 16.35
N MET D 37 11.78 3.33 15.24
CA MET D 37 10.59 4.17 15.32
C MET D 37 9.53 3.59 16.22
N LYS D 38 9.40 2.27 16.22
CA LYS D 38 8.39 1.67 17.05
C LYS D 38 8.69 1.82 18.53
N ARG D 39 9.90 2.23 18.89
CA ARG D 39 10.23 2.41 20.32
C ARG D 39 10.27 3.87 20.71
N LYS D 40 10.43 4.71 19.69
CA LYS D 40 10.54 6.16 19.80
C LYS D 40 12.00 6.38 20.07
N ALA D 41 12.68 5.27 20.30
CA ALA D 41 14.11 5.26 20.59
C ALA D 41 14.82 6.52 20.18
N LEU D 42 15.41 7.21 21.16
CA LEU D 42 16.18 8.42 20.92
C LEU D 42 17.61 7.94 20.98
N PHE D 43 18.42 8.25 20.01
CA PHE D 43 19.80 7.81 20.11
C PHE D 43 20.69 9.00 20.26
N THR D 44 21.94 8.73 20.57
CA THR D 44 22.95 9.76 20.74
C THR D 44 24.24 9.16 20.21
N CYS D 45 24.90 9.89 19.34
CA CYS D 45 26.11 9.39 18.71
C CYS D 45 27.40 9.45 19.55
N PRO D 46 28.10 8.32 19.68
CA PRO D 46 29.34 8.21 20.47
C PRO D 46 30.57 8.88 19.85
N PHE D 47 30.38 9.50 18.69
CA PHE D 47 31.47 10.18 18.03
C PHE D 47 31.17 11.64 17.74
N ASN D 48 31.04 12.03 16.47
CA ASN D 48 30.81 13.44 16.15
C ASN D 48 29.53 13.83 15.41
N GLY D 49 28.60 12.89 15.28
CA GLY D 49 27.32 13.16 14.61
C GLY D 49 27.43 13.19 13.09
N ASP D 50 28.53 12.65 12.58
CA ASP D 50 28.83 12.64 11.15
C ASP D 50 29.32 11.29 10.61
N CYS D 51 29.02 10.19 11.31
CA CYS D 51 29.45 8.83 10.92
C CYS D 51 29.14 8.42 9.49
N ARG D 52 30.17 8.08 8.72
CA ARG D 52 29.94 7.63 7.35
C ARG D 52 29.44 6.17 7.50
N ILE D 53 28.22 5.86 7.06
CA ILE D 53 27.69 4.48 7.23
C ILE D 53 27.95 3.48 6.11
N THR D 54 28.20 2.26 6.52
CA THR D 54 28.52 1.18 5.60
C THR D 54 28.00 -0.16 6.05
N LYS D 55 27.89 -1.08 5.09
CA LYS D 55 27.43 -2.44 5.31
C LYS D 55 28.16 -3.09 6.50
N ASP D 56 29.14 -2.38 7.03
CA ASP D 56 29.91 -2.94 8.14
C ASP D 56 29.65 -2.20 9.45
N ASN D 57 30.27 -1.03 9.60
CA ASN D 57 30.14 -0.22 10.81
C ASN D 57 28.69 0.00 11.22
N ARG D 58 27.81 -0.33 10.28
CA ARG D 58 26.36 -0.22 10.43
C ARG D 58 25.77 -0.34 11.84
N ARG D 59 25.85 -1.51 12.45
CA ARG D 59 25.27 -1.71 13.78
C ARG D 59 25.92 -0.93 14.90
N HIS D 60 26.98 -0.19 14.59
CA HIS D 60 27.70 0.57 15.60
C HIS D 60 27.09 1.89 16.03
N CYS D 61 26.58 2.69 15.10
CA CYS D 61 25.98 3.97 15.52
C CYS D 61 24.49 4.04 15.16
N GLN D 62 23.68 3.67 16.14
CA GLN D 62 22.25 3.69 15.94
C GLN D 62 21.77 5.10 15.74
N ALA D 63 22.50 6.04 16.31
CA ALA D 63 22.12 7.43 16.18
C ALA D 63 22.23 7.83 14.74
N CYS D 64 23.44 7.78 14.23
CA CYS D 64 23.68 8.18 12.86
C CYS D 64 22.91 7.34 11.86
N ARG D 65 22.87 6.04 12.04
CA ARG D 65 22.12 5.21 11.08
C ARG D 65 20.65 5.67 10.99
N LEU D 66 20.03 5.86 12.15
CA LEU D 66 18.66 6.28 12.17
C LEU D 66 18.47 7.63 11.50
N LYS D 67 19.35 8.59 11.82
CA LYS D 67 19.33 9.90 11.20
C LYS D 67 19.57 9.78 9.72
N ARG D 68 20.46 8.89 9.29
CA ARG D 68 20.67 8.75 7.85
C ARG D 68 19.41 8.21 7.19
N CYS D 69 18.72 7.27 7.84
CA CYS D 69 17.47 6.69 7.32
C CYS D 69 16.50 7.78 6.92
N VAL D 70 16.26 8.71 7.84
CA VAL D 70 15.34 9.79 7.58
C VAL D 70 15.75 10.72 6.42
N ASP D 71 17.05 10.98 6.23
CA ASP D 71 17.44 11.86 5.14
C ASP D 71 17.23 11.12 3.83
N ILE D 72 17.45 9.80 3.82
CA ILE D 72 17.29 8.99 2.62
C ILE D 72 15.80 8.98 2.21
N GLY D 73 14.94 9.32 3.15
CA GLY D 73 13.52 9.37 2.88
C GLY D 73 12.62 8.31 3.49
N MET D 74 13.01 7.69 4.59
CA MET D 74 12.14 6.69 5.17
C MET D 74 11.12 7.38 6.04
N MET D 75 9.99 6.71 6.19
CA MET D 75 8.91 7.27 6.94
C MET D 75 8.19 6.46 7.94
N LYS D 76 8.36 6.89 9.18
CA LYS D 76 7.73 6.26 10.30
C LYS D 76 6.23 6.09 10.03
N GLU D 77 5.63 6.94 9.19
CA GLU D 77 4.19 6.85 8.92
C GLU D 77 3.79 5.58 8.22
N PHE D 78 4.73 5.00 7.45
CA PHE D 78 4.47 3.74 6.76
C PHE D 78 4.60 2.52 7.68
N ILE D 79 5.27 2.67 8.81
CA ILE D 79 5.36 1.55 9.73
C ILE D 79 3.96 1.39 10.25
N LEU D 80 3.39 0.19 10.20
CA LEU D 80 2.03 -0.03 10.69
C LEU D 80 1.93 0.06 12.20
N THR D 81 0.81 0.64 12.66
CA THR D 81 0.53 0.83 14.09
C THR D 81 0.01 -0.47 14.67
N ASP D 82 0.16 -0.65 15.98
CA ASP D 82 -0.27 -1.89 16.64
C ASP D 82 -1.75 -2.15 16.43
N GLU D 83 -2.51 -1.09 16.21
CA GLU D 83 -3.92 -1.21 15.96
C GLU D 83 -4.10 -1.75 14.56
N GLU D 84 -3.41 -1.14 13.61
CA GLU D 84 -3.53 -1.59 12.23
C GLU D 84 -3.15 -3.06 12.11
N VAL D 85 -2.04 -3.44 12.74
CA VAL D 85 -1.59 -4.82 12.66
C VAL D 85 -2.65 -5.78 13.13
N GLN D 86 -3.33 -5.44 14.21
CA GLN D 86 -4.36 -6.32 14.69
C GLN D 86 -5.46 -6.48 13.66
N ARG D 87 -6.05 -5.38 13.24
CA ARG D 87 -7.11 -5.41 12.24
C ARG D 87 -6.73 -6.32 11.08
N LYS D 88 -5.43 -6.50 10.87
CA LYS D 88 -4.97 -7.36 9.78
C LYS D 88 -5.08 -8.84 10.17
N ARG D 89 -4.44 -9.25 11.27
CA ARG D 89 -4.49 -10.65 11.71
C ARG D 89 -5.94 -11.13 11.77
N GLU D 90 -6.84 -10.19 12.10
CA GLU D 90 -8.28 -10.44 12.20
C GLU D 90 -8.87 -10.48 10.78
N MET D 91 -8.62 -9.44 9.97
CA MET D 91 -9.12 -9.39 8.59
C MET D 91 -8.66 -10.62 7.80
N ILE D 92 -7.59 -11.26 8.30
CA ILE D 92 -7.06 -12.49 7.71
C ILE D 92 -8.08 -13.61 8.02
N LEU D 93 -8.52 -13.64 9.28
CA LEU D 93 -9.46 -14.66 9.78
C LEU D 93 -10.90 -14.59 9.30
N LYS D 94 -11.43 -13.38 9.18
CA LYS D 94 -12.82 -13.18 8.73
C LYS D 94 -13.01 -13.61 7.28
N ARG D 95 -12.05 -13.23 6.42
CA ARG D 95 -12.10 -13.62 5.00
C ARG D 95 -11.93 -15.13 4.94
N LYS D 96 -11.22 -15.64 5.96
CA LYS D 96 -10.90 -17.06 6.16
C LYS D 96 -12.14 -17.93 6.47
N GLU D 97 -13.10 -17.33 7.17
CA GLU D 97 -14.32 -17.99 7.52
C GLU D 97 -15.37 -17.72 6.46
N GLU D 98 -15.09 -16.75 5.60
CA GLU D 98 -15.99 -16.40 4.49
C GLU D 98 -15.64 -17.22 3.26
N GLU D 99 -14.42 -17.77 3.25
CA GLU D 99 -13.98 -18.61 2.14
C GLU D 99 -14.48 -20.01 2.52
N ALA D 100 -14.64 -20.22 3.83
CA ALA D 100 -15.15 -21.48 4.37
C ALA D 100 -16.64 -21.63 4.02
N LEU D 101 -17.45 -20.67 4.46
CA LEU D 101 -18.88 -20.65 4.19
C LEU D 101 -19.18 -20.59 2.69
N LYS D 102 -18.30 -19.94 1.94
CA LYS D 102 -18.43 -19.82 0.48
C LYS D 102 -18.21 -21.20 -0.12
N ASP D 103 -17.40 -22.01 0.55
CA ASP D 103 -17.10 -23.37 0.12
C ASP D 103 -18.36 -24.25 0.25
N SER D 104 -18.86 -24.35 1.49
CA SER D 104 -20.05 -25.16 1.81
C SER D 104 -21.22 -25.07 0.81
N LEU D 105 -21.61 -23.84 0.46
CA LEU D 105 -22.71 -23.61 -0.46
C LEU D 105 -22.35 -23.84 -1.95
N ARG D 106 -21.41 -24.77 -2.18
CA ARG D 106 -20.92 -25.13 -3.52
C ARG D 106 -21.98 -25.88 -4.32
#